data_2A14
#
_entry.id   2A14
#
_cell.length_a   86.407
_cell.length_b   117.461
_cell.length_c   66.116
_cell.angle_alpha   90.00
_cell.angle_beta   90.00
_cell.angle_gamma   90.00
#
_symmetry.space_group_name_H-M   'C 2 2 21'
#
loop_
_entity.id
_entity.type
_entity.pdbx_description
1 polymer 'indolethylamine N-methyltransferase'
2 non-polymer 'SULFATE ION'
3 non-polymer S-ADENOSYL-L-HOMOCYSTEINE
4 water water
#
_entity_poly.entity_id   1
_entity_poly.type   'polypeptide(L)'
_entity_poly.pdbx_seq_one_letter_code
;MKGGFTGGDEYQKHFLPRDYLATYYSFDGSPSPEAEMLKFNLECLHKTFGPGGLQGDTLIDIGSGPTIYQVLAACDSFQD
ITLSDFTDRNREELEKWLKKEPGAYDWTPAVKFACELEGNSGRWEEKEEKLRAAVKRVLKCDVHLGNPLAPAVLPLADCV
LTLLAMECACCSLDAYRAALCNLASLLKPGGHLVTTVTLRLPSYMVGKREFSCVALEKGEVEQAVLDAGFDIEQLLHSPQ
SYSVTNAANNGVCCIVARKKPGP
;
_entity_poly.pdbx_strand_id   A
#
# COMPACT_ATOMS: atom_id res chain seq x y z
N PHE A 5 -1.33 -20.65 8.56
CA PHE A 5 -1.25 -19.29 7.96
C PHE A 5 0.14 -18.71 8.25
N THR A 6 0.83 -18.24 7.21
CA THR A 6 2.19 -17.70 7.35
C THR A 6 2.15 -16.41 8.15
N GLY A 7 2.74 -16.43 9.35
CA GLY A 7 2.74 -15.29 10.25
C GLY A 7 4.03 -14.48 10.26
N GLY A 8 4.19 -13.65 11.29
CA GLY A 8 5.28 -12.70 11.37
C GLY A 8 6.66 -13.33 11.26
N ASP A 9 6.86 -14.45 11.96
CA ASP A 9 8.16 -15.15 11.91
C ASP A 9 8.52 -15.57 10.50
N GLU A 10 7.52 -16.02 9.74
CA GLU A 10 7.72 -16.45 8.35
C GLU A 10 8.11 -15.27 7.45
N TYR A 11 7.47 -14.12 7.64
CA TYR A 11 7.89 -12.91 6.92
C TYR A 11 9.32 -12.53 7.28
N GLN A 12 9.60 -12.43 8.58
CA GLN A 12 10.90 -11.94 9.04
C GLN A 12 12.04 -12.82 8.52
N LYS A 13 11.84 -14.13 8.55
CA LYS A 13 12.86 -15.08 8.13
C LYS A 13 12.94 -15.24 6.60
N HIS A 14 11.79 -15.18 5.93
CA HIS A 14 11.70 -15.70 4.57
C HIS A 14 11.15 -14.79 3.46
N PHE A 15 10.60 -13.62 3.81
CA PHE A 15 10.11 -12.69 2.77
C PHE A 15 11.29 -11.93 2.14
N LEU A 16 11.53 -12.20 0.85
CA LEU A 16 12.66 -11.60 0.13
C LEU A 16 12.16 -10.52 -0.80
N PRO A 17 12.47 -9.24 -0.48
CA PRO A 17 11.94 -8.14 -1.28
C PRO A 17 12.33 -8.24 -2.76
N ARG A 18 13.53 -8.73 -3.05
CA ARG A 18 13.96 -8.83 -4.43
C ARG A 18 13.12 -9.83 -5.23
N ASP A 19 12.71 -10.91 -4.57
CA ASP A 19 11.79 -11.87 -5.19
C ASP A 19 10.39 -11.28 -5.35
N TYR A 20 9.95 -10.52 -4.35
CA TYR A 20 8.64 -9.84 -4.42
C TYR A 20 8.60 -8.88 -5.60
N LEU A 21 9.65 -8.05 -5.72
CA LEU A 21 9.71 -7.08 -6.81
C LEU A 21 9.77 -7.78 -8.18
N ALA A 22 10.48 -8.89 -8.27
CA ALA A 22 10.58 -9.64 -9.53
C ALA A 22 9.24 -10.24 -9.93
N THR A 23 8.44 -10.64 -8.94
CA THR A 23 7.16 -11.27 -9.23
C THR A 23 6.10 -10.25 -9.67
N TYR A 24 5.99 -9.15 -8.94
CA TYR A 24 4.86 -8.21 -9.08
C TYR A 24 5.20 -6.87 -9.74
N TYR A 25 6.48 -6.51 -9.74
CA TYR A 25 6.91 -5.19 -10.21
C TYR A 25 8.15 -5.29 -11.08
N SER A 26 8.15 -6.24 -12.01
CA SER A 26 9.36 -6.57 -12.79
C SER A 26 9.82 -5.48 -13.76
N PHE A 27 8.88 -4.64 -14.21
CA PHE A 27 9.14 -3.64 -15.27
C PHE A 27 9.83 -4.24 -16.49
N ASP A 28 9.32 -5.38 -16.95
CA ASP A 28 9.91 -6.04 -18.12
C ASP A 28 9.37 -5.48 -19.44
N GLY A 29 8.51 -4.47 -19.35
CA GLY A 29 7.97 -3.79 -20.54
C GLY A 29 6.89 -4.53 -21.30
N SER A 30 6.56 -5.75 -20.84
CA SER A 30 5.58 -6.59 -21.53
C SER A 30 4.14 -6.27 -21.11
N PRO A 31 3.16 -6.64 -21.96
CA PRO A 31 1.77 -6.58 -21.51
C PRO A 31 1.56 -7.69 -20.48
N SER A 32 1.13 -7.35 -19.27
CA SER A 32 1.01 -8.41 -18.26
C SER A 32 -0.03 -8.05 -17.19
N PRO A 33 -0.64 -9.07 -16.56
CA PRO A 33 -1.66 -8.79 -15.53
C PRO A 33 -1.05 -8.06 -14.33
N GLU A 34 0.19 -8.41 -13.97
CA GLU A 34 0.87 -7.72 -12.85
C GLU A 34 1.03 -6.22 -13.15
N ALA A 35 1.42 -5.90 -14.38
CA ALA A 35 1.53 -4.51 -14.83
C ALA A 35 0.17 -3.80 -14.78
N GLU A 36 -0.88 -4.52 -15.16
CA GLU A 36 -2.23 -3.95 -15.13
C GLU A 36 -2.69 -3.66 -13.71
N MET A 37 -2.28 -4.49 -12.77
CA MET A 37 -2.66 -4.27 -11.37
C MET A 37 -2.00 -2.99 -10.85
N LEU A 38 -0.72 -2.85 -11.15
CA LEU A 38 0.02 -1.63 -10.83
C LEU A 38 -0.66 -0.39 -11.44
N LYS A 39 -1.02 -0.50 -12.72
CA LYS A 39 -1.67 0.61 -13.42
C LYS A 39 -2.98 1.00 -12.75
N PHE A 40 -3.81 0.00 -12.40
CA PHE A 40 -5.07 0.25 -11.72
C PHE A 40 -4.83 1.03 -10.43
N ASN A 41 -3.87 0.57 -9.63
CA ASN A 41 -3.56 1.28 -8.40
C ASN A 41 -3.06 2.70 -8.64
N LEU A 42 -2.18 2.87 -9.62
CA LEU A 42 -1.68 4.20 -9.93
C LEU A 42 -2.83 5.13 -10.38
N GLU A 43 -3.75 4.59 -11.17
CA GLU A 43 -4.93 5.36 -11.58
C GLU A 43 -5.81 5.78 -10.38
N CYS A 44 -6.12 4.82 -9.51
CA CYS A 44 -6.88 5.09 -8.30
C CYS A 44 -6.19 6.14 -7.42
N LEU A 45 -4.87 6.00 -7.28
CA LEU A 45 -4.12 6.91 -6.42
C LEU A 45 -4.08 8.32 -7.00
N HIS A 46 -3.99 8.45 -8.32
CA HIS A 46 -4.05 9.78 -8.93
C HIS A 46 -5.41 10.45 -8.70
N LYS A 47 -6.48 9.67 -8.81
CA LYS A 47 -7.83 10.20 -8.55
C LYS A 47 -7.93 10.65 -7.09
N THR A 48 -7.39 9.83 -6.20
CA THR A 48 -7.51 10.06 -4.75
C THR A 48 -6.68 11.25 -4.26
N PHE A 49 -5.47 11.40 -4.78
CA PHE A 49 -4.50 12.35 -4.26
C PHE A 49 -4.17 13.52 -5.19
N GLY A 50 -4.65 13.44 -6.42
CA GLY A 50 -4.39 14.49 -7.41
C GLY A 50 -5.33 15.68 -7.22
N PRO A 51 -5.33 16.61 -8.18
CA PRO A 51 -6.22 17.78 -8.14
C PRO A 51 -7.65 17.41 -7.77
N GLY A 52 -8.22 18.13 -6.78
CA GLY A 52 -9.57 17.89 -6.30
C GLY A 52 -9.71 16.78 -5.27
N GLY A 53 -8.60 16.12 -4.95
CA GLY A 53 -8.64 14.96 -4.06
C GLY A 53 -8.32 15.30 -2.62
N LEU A 54 -7.79 14.31 -1.91
CA LEU A 54 -7.42 14.48 -0.52
C LEU A 54 -6.15 15.31 -0.41
N GLN A 55 -6.05 16.11 0.66
CA GLN A 55 -4.80 16.79 0.97
C GLN A 55 -4.69 17.02 2.45
N GLY A 56 -3.47 17.16 2.94
CA GLY A 56 -3.24 17.32 4.37
C GLY A 56 -1.78 17.42 4.70
N ASP A 57 -1.47 17.30 5.98
CA ASP A 57 -0.11 17.50 6.45
C ASP A 57 0.64 16.19 6.53
N THR A 58 -0.01 15.17 7.09
CA THR A 58 0.68 13.92 7.36
C THR A 58 -0.03 12.71 6.79
N LEU A 59 0.76 11.82 6.20
CA LEU A 59 0.26 10.56 5.69
C LEU A 59 1.16 9.44 6.20
N ILE A 60 0.53 8.32 6.57
CA ILE A 60 1.27 7.15 7.04
C ILE A 60 0.91 5.97 6.16
N ASP A 61 1.90 5.42 5.45
CA ASP A 61 1.70 4.20 4.66
C ASP A 61 2.03 3.01 5.54
N ILE A 62 1.11 2.05 5.57
CA ILE A 62 1.22 0.87 6.43
C ILE A 62 1.39 -0.36 5.54
N GLY A 63 2.42 -1.15 5.84
CA GLY A 63 2.72 -2.35 5.04
C GLY A 63 3.23 -1.97 3.66
N SER A 64 4.11 -0.98 3.63
CA SER A 64 4.72 -0.46 2.41
C SER A 64 5.43 -1.52 1.55
N GLY A 65 5.87 -2.60 2.19
CA GLY A 65 6.75 -3.57 1.53
C GLY A 65 8.00 -2.85 1.05
N PRO A 66 8.62 -3.36 -0.03
CA PRO A 66 9.75 -2.68 -0.63
C PRO A 66 9.37 -1.70 -1.76
N THR A 67 8.11 -1.24 -1.76
CA THR A 67 7.60 -0.47 -2.90
C THR A 67 7.34 1.00 -2.56
N ILE A 68 7.48 1.85 -3.56
CA ILE A 68 7.26 3.30 -3.39
C ILE A 68 6.19 3.87 -4.33
N TYR A 69 5.66 3.03 -5.24
CA TYR A 69 4.72 3.51 -6.26
C TYR A 69 3.47 4.09 -5.59
N GLN A 70 3.11 3.55 -4.43
CA GLN A 70 1.85 3.91 -3.77
C GLN A 70 1.78 5.35 -3.23
N VAL A 71 2.93 6.03 -3.19
CA VAL A 71 2.96 7.41 -2.68
C VAL A 71 3.39 8.44 -3.73
N LEU A 72 3.46 8.04 -5.00
CA LEU A 72 3.88 8.95 -6.07
C LEU A 72 2.86 10.08 -6.24
N ALA A 73 1.58 9.76 -6.20
CA ALA A 73 0.54 10.80 -6.30
C ALA A 73 0.45 11.55 -4.97
N ALA A 74 0.57 10.79 -3.89
CA ALA A 74 0.38 11.32 -2.53
C ALA A 74 1.34 12.46 -2.19
N CYS A 75 2.58 12.41 -2.70
CA CYS A 75 3.60 13.41 -2.30
C CYS A 75 3.28 14.82 -2.79
N ASP A 76 2.33 14.94 -3.71
CA ASP A 76 1.88 16.26 -4.16
C ASP A 76 0.92 16.92 -3.17
N SER A 77 0.30 16.11 -2.31
CA SER A 77 -0.80 16.59 -1.48
C SER A 77 -0.59 16.39 0.03
N PHE A 78 0.45 15.63 0.38
CA PHE A 78 0.84 15.40 1.77
C PHE A 78 2.35 15.56 1.91
N GLN A 79 2.76 16.58 2.67
CA GLN A 79 4.18 16.97 2.73
C GLN A 79 5.04 16.10 3.64
N ASP A 80 4.40 15.44 4.62
CA ASP A 80 5.10 14.55 5.55
C ASP A 80 4.56 13.13 5.38
N ILE A 81 5.38 12.26 4.79
CA ILE A 81 5.02 10.87 4.56
C ILE A 81 5.87 9.92 5.40
N THR A 82 5.21 8.98 6.05
CA THR A 82 5.86 7.88 6.76
C THR A 82 5.65 6.60 5.97
N LEU A 83 6.72 5.83 5.74
CA LEU A 83 6.56 4.48 5.20
C LEU A 83 6.82 3.51 6.34
N SER A 84 6.19 2.35 6.30
CA SER A 84 6.37 1.40 7.40
C SER A 84 6.12 -0.02 6.92
N ASP A 85 6.88 -0.97 7.44
CA ASP A 85 6.62 -2.35 7.14
C ASP A 85 7.04 -3.26 8.28
N PHE A 86 6.40 -4.42 8.34
CA PHE A 86 6.73 -5.40 9.36
C PHE A 86 8.11 -5.99 9.09
N THR A 87 8.48 -6.14 7.83
CA THR A 87 9.63 -6.98 7.45
C THR A 87 10.91 -6.14 7.33
N ASP A 88 11.93 -6.48 8.12
CA ASP A 88 13.17 -5.70 8.18
C ASP A 88 13.80 -5.52 6.79
N ARG A 89 13.89 -6.62 6.04
CA ARG A 89 14.46 -6.60 4.68
C ARG A 89 13.75 -5.60 3.76
N ASN A 90 12.44 -5.45 3.94
CA ASN A 90 11.66 -4.49 3.14
C ASN A 90 12.03 -3.05 3.50
N ARG A 91 12.14 -2.77 4.79
CA ARG A 91 12.54 -1.43 5.22
C ARG A 91 13.93 -1.08 4.68
N GLU A 92 14.83 -2.07 4.65
CA GLU A 92 16.16 -1.88 4.09
C GLU A 92 16.09 -1.47 2.60
N GLU A 93 15.24 -2.14 1.83
CA GLU A 93 15.04 -1.79 0.40
C GLU A 93 14.52 -0.37 0.21
N LEU A 94 13.51 0.01 1.02
CA LEU A 94 12.98 1.38 1.00
C LEU A 94 14.09 2.39 1.25
N GLU A 95 14.89 2.15 2.28
CA GLU A 95 15.98 3.08 2.62
C GLU A 95 17.01 3.19 1.48
N LYS A 96 17.29 2.08 0.78
CA LYS A 96 18.22 2.13 -0.37
C LYS A 96 17.70 3.11 -1.43
N TRP A 97 16.40 3.04 -1.69
CA TRP A 97 15.77 3.90 -2.69
C TRP A 97 15.79 5.37 -2.23
N LEU A 98 15.42 5.61 -0.98
CA LEU A 98 15.37 6.98 -0.44
C LEU A 98 16.76 7.63 -0.41
N LYS A 99 17.77 6.81 -0.12
CA LYS A 99 19.16 7.26 -0.05
C LYS A 99 19.86 7.35 -1.40
N LYS A 100 19.22 6.84 -2.46
CA LYS A 100 19.83 6.71 -3.79
C LYS A 100 21.12 5.89 -3.70
N GLU A 101 21.04 4.77 -2.99
CA GLU A 101 22.20 3.86 -2.88
C GLU A 101 22.29 2.99 -4.14
N PRO A 102 23.47 2.41 -4.42
CA PRO A 102 23.63 1.58 -5.64
C PRO A 102 22.59 0.47 -5.84
N GLY A 103 22.12 -0.15 -4.76
CA GLY A 103 21.17 -1.25 -4.87
C GLY A 103 19.71 -0.86 -5.02
N ALA A 104 19.43 0.44 -5.07
CA ALA A 104 18.04 0.93 -5.14
C ALA A 104 17.28 0.38 -6.34
N TYR A 105 16.05 -0.05 -6.13
CA TYR A 105 15.25 -0.57 -7.23
C TYR A 105 14.86 0.55 -8.19
N ASP A 106 14.80 0.24 -9.48
CA ASP A 106 14.46 1.23 -10.49
C ASP A 106 12.95 1.30 -10.72
N TRP A 107 12.32 2.37 -10.21
CA TRP A 107 10.86 2.56 -10.32
C TRP A 107 10.46 3.46 -11.49
N THR A 108 11.42 3.76 -12.37
CA THR A 108 11.20 4.79 -13.40
C THR A 108 9.91 4.62 -14.22
N PRO A 109 9.63 3.39 -14.73
CA PRO A 109 8.39 3.21 -15.51
C PRO A 109 7.13 3.62 -14.74
N ALA A 110 7.06 3.28 -13.44
CA ALA A 110 5.94 3.68 -12.59
C ALA A 110 5.89 5.21 -12.34
N VAL A 111 7.04 5.81 -12.08
CA VAL A 111 7.13 7.27 -11.90
C VAL A 111 6.63 7.97 -13.17
N LYS A 112 7.11 7.51 -14.33
CA LYS A 112 6.67 8.06 -15.60
C LYS A 112 5.15 7.94 -15.79
N PHE A 113 4.60 6.77 -15.49
CA PHE A 113 3.17 6.55 -15.63
C PHE A 113 2.38 7.47 -14.71
N ALA A 114 2.82 7.56 -13.44
CA ALA A 114 2.23 8.51 -12.50
C ALA A 114 2.20 9.95 -13.04
N CYS A 115 3.30 10.38 -13.66
CA CYS A 115 3.40 11.72 -14.23
C CYS A 115 2.54 11.89 -15.48
N GLU A 116 2.46 10.82 -16.29
CA GLU A 116 1.60 10.76 -17.47
C GLU A 116 0.14 11.04 -17.08
N LEU A 117 -0.30 10.46 -15.95
CA LEU A 117 -1.66 10.70 -15.44
C LEU A 117 -1.92 12.16 -15.09
N GLU A 118 -0.83 12.86 -14.79
CA GLU A 118 -0.90 14.27 -14.42
C GLU A 118 -0.74 15.17 -15.64
N GLY A 119 -0.57 14.57 -16.80
CA GLY A 119 -0.49 15.31 -18.05
C GLY A 119 0.90 15.56 -18.62
N ASN A 120 1.94 15.05 -17.94
CA ASN A 120 3.33 15.21 -18.41
C ASN A 120 4.32 14.21 -17.83
N SER A 121 4.53 13.10 -18.55
CA SER A 121 5.45 12.04 -18.13
C SER A 121 6.92 12.48 -18.09
N GLY A 122 7.21 13.64 -18.69
CA GLY A 122 8.58 14.15 -18.76
C GLY A 122 9.12 14.70 -17.44
N ARG A 123 8.23 15.02 -16.51
CA ARG A 123 8.64 15.57 -15.22
C ARG A 123 8.91 14.47 -14.18
N TRP A 124 9.30 13.29 -14.64
CA TRP A 124 9.45 12.12 -13.76
C TRP A 124 10.56 12.28 -12.71
N GLU A 125 11.69 12.86 -13.09
CA GLU A 125 12.77 13.06 -12.11
C GLU A 125 12.33 13.99 -10.98
N GLU A 126 11.60 15.05 -11.34
CA GLU A 126 11.05 15.98 -10.37
C GLU A 126 10.12 15.27 -9.38
N LYS A 127 9.25 14.39 -9.88
CA LYS A 127 8.35 13.64 -9.01
C LYS A 127 9.14 12.68 -8.11
N GLU A 128 10.06 11.94 -8.72
CA GLU A 128 10.90 11.01 -7.97
C GLU A 128 11.53 11.71 -6.76
N GLU A 129 12.17 12.86 -7.01
CA GLU A 129 12.85 13.59 -5.92
C GLU A 129 11.87 14.23 -4.93
N LYS A 130 10.70 14.66 -5.43
CA LYS A 130 9.67 15.21 -4.55
C LYS A 130 9.18 14.16 -3.55
N LEU A 131 8.91 12.95 -4.04
CA LEU A 131 8.54 11.86 -3.13
C LEU A 131 9.65 11.57 -2.11
N ARG A 132 10.86 11.41 -2.63
CA ARG A 132 12.01 11.11 -1.77
C ARG A 132 12.11 12.15 -0.65
N ALA A 133 11.93 13.43 -0.99
CA ALA A 133 12.01 14.51 0.00
C ALA A 133 10.85 14.45 1.02
N ALA A 134 9.68 14.01 0.57
CA ALA A 134 8.48 13.98 1.42
C ALA A 134 8.51 12.85 2.45
N VAL A 135 9.25 11.77 2.14
CA VAL A 135 9.34 10.62 3.05
C VAL A 135 10.30 10.97 4.18
N LYS A 136 9.74 11.14 5.38
CA LYS A 136 10.50 11.65 6.54
C LYS A 136 11.09 10.54 7.40
N ARG A 137 10.48 9.35 7.35
CA ARG A 137 10.89 8.27 8.22
C ARG A 137 10.38 6.94 7.67
N VAL A 138 11.12 5.89 7.97
CA VAL A 138 10.74 4.51 7.65
C VAL A 138 10.72 3.71 8.96
N LEU A 139 9.55 3.17 9.30
CA LEU A 139 9.33 2.56 10.62
C LEU A 139 8.85 1.12 10.56
N LYS A 140 9.16 0.36 11.60
CA LYS A 140 8.54 -0.94 11.81
C LYS A 140 7.04 -0.71 12.03
N CYS A 141 6.22 -1.64 11.54
CA CYS A 141 4.79 -1.63 11.91
C CYS A 141 4.25 -3.05 12.02
N ASP A 142 3.15 -3.18 12.76
CA ASP A 142 2.46 -4.46 12.91
C ASP A 142 0.99 -4.12 13.12
N VAL A 143 0.17 -4.42 12.12
CA VAL A 143 -1.24 -3.99 12.13
C VAL A 143 -2.08 -4.63 13.24
N HIS A 144 -1.55 -5.67 13.89
CA HIS A 144 -2.27 -6.34 14.98
C HIS A 144 -2.18 -5.59 16.29
N LEU A 145 -1.19 -4.70 16.40
CA LEU A 145 -1.00 -3.89 17.59
C LEU A 145 -2.01 -2.74 17.62
N GLY A 146 -2.50 -2.41 18.82
CA GLY A 146 -3.43 -1.28 19.00
C GLY A 146 -2.88 0.00 18.40
N ASN A 147 -1.61 0.25 18.67
CA ASN A 147 -0.82 1.24 17.95
C ASN A 147 0.13 0.50 17.02
N PRO A 148 -0.23 0.35 15.73
CA PRO A 148 0.62 -0.38 14.79
C PRO A 148 2.10 0.05 14.72
N LEU A 149 2.42 1.29 15.10
CA LEU A 149 3.79 1.79 15.04
C LEU A 149 4.58 1.68 16.36
N ALA A 150 3.95 1.12 17.40
CA ALA A 150 4.59 0.99 18.71
C ALA A 150 5.99 0.35 18.58
N PRO A 151 6.99 0.87 19.31
CA PRO A 151 6.95 1.93 20.33
C PRO A 151 6.98 3.37 19.81
N ALA A 152 7.02 3.57 18.50
CA ALA A 152 6.87 4.93 17.97
C ALA A 152 5.44 5.38 18.21
N VAL A 153 5.26 6.66 18.54
CA VAL A 153 3.93 7.22 18.71
C VAL A 153 3.90 8.51 17.92
N LEU A 154 3.32 8.45 16.73
CA LEU A 154 3.26 9.62 15.87
C LEU A 154 2.05 10.47 16.25
N PRO A 155 2.05 11.77 15.85
CA PRO A 155 0.81 12.53 16.04
C PRO A 155 -0.30 11.92 15.20
N LEU A 156 -1.56 12.10 15.61
CA LEU A 156 -2.67 11.62 14.77
C LEU A 156 -2.54 12.20 13.35
N ALA A 157 -2.79 11.35 12.36
CA ALA A 157 -2.48 11.70 10.96
C ALA A 157 -3.70 12.10 10.15
N ASP A 158 -3.47 12.84 9.07
CA ASP A 158 -4.53 13.17 8.12
C ASP A 158 -4.96 11.99 7.26
N CYS A 159 -4.01 11.11 6.96
CA CYS A 159 -4.29 9.99 6.08
C CYS A 159 -3.47 8.76 6.45
N VAL A 160 -4.12 7.61 6.44
CA VAL A 160 -3.42 6.33 6.52
C VAL A 160 -3.66 5.63 5.19
N LEU A 161 -2.57 5.18 4.57
CA LEU A 161 -2.58 4.50 3.28
C LEU A 161 -2.13 3.07 3.50
N THR A 162 -2.78 2.11 2.84
CA THR A 162 -2.35 0.71 2.94
C THR A 162 -2.80 -0.13 1.75
N LEU A 163 -1.84 -0.63 0.98
CA LEU A 163 -2.13 -1.39 -0.24
C LEU A 163 -1.57 -2.80 -0.16
N LEU A 164 -2.46 -3.77 -0.36
CA LEU A 164 -2.07 -5.18 -0.61
C LEU A 164 -1.35 -5.85 0.56
N ALA A 165 -1.46 -5.30 1.76
CA ALA A 165 -0.72 -5.82 2.93
C ALA A 165 -1.65 -6.40 4.01
N MET A 166 -2.75 -5.71 4.27
CA MET A 166 -3.67 -6.14 5.34
C MET A 166 -4.12 -7.60 5.15
N GLU A 167 -4.45 -7.97 3.91
CA GLU A 167 -4.94 -9.33 3.62
C GLU A 167 -3.82 -10.38 3.75
N CYS A 168 -2.57 -9.92 3.76
CA CYS A 168 -1.40 -10.79 4.00
C CYS A 168 -1.09 -10.91 5.49
N ALA A 169 -1.29 -9.80 6.20
CA ALA A 169 -1.00 -9.72 7.64
C ALA A 169 -2.02 -10.46 8.50
N CYS A 170 -3.27 -10.52 8.00
CA CYS A 170 -4.40 -11.04 8.78
C CYS A 170 -4.80 -12.45 8.35
N CYS A 171 -4.96 -13.34 9.32
CA CYS A 171 -5.31 -14.73 9.03
C CYS A 171 -6.81 -15.02 8.88
N SER A 172 -7.66 -14.02 9.17
CA SER A 172 -9.11 -14.22 9.24
C SER A 172 -9.82 -12.89 9.02
N LEU A 173 -11.12 -12.96 8.74
CA LEU A 173 -11.94 -11.77 8.65
C LEU A 173 -11.94 -11.01 9.99
N ASP A 174 -12.04 -11.76 11.09
CA ASP A 174 -11.97 -11.11 12.42
C ASP A 174 -10.68 -10.33 12.62
N ALA A 175 -9.55 -10.92 12.23
CA ALA A 175 -8.24 -10.26 12.36
C ALA A 175 -8.20 -9.00 11.48
N TYR A 176 -8.76 -9.11 10.28
CA TYR A 176 -8.83 -7.96 9.36
C TYR A 176 -9.70 -6.83 9.94
N ARG A 177 -10.83 -7.19 10.51
CA ARG A 177 -11.74 -6.22 11.13
C ARG A 177 -11.05 -5.45 12.28
N ALA A 178 -10.35 -6.19 13.14
CA ALA A 178 -9.61 -5.55 14.24
C ALA A 178 -8.46 -4.67 13.73
N ALA A 179 -7.75 -5.15 12.70
CA ALA A 179 -6.64 -4.40 12.12
C ALA A 179 -7.12 -3.04 11.59
N LEU A 180 -8.32 -3.01 10.99
CA LEU A 180 -8.87 -1.75 10.49
C LEU A 180 -9.10 -0.74 11.63
N CYS A 181 -9.58 -1.24 12.78
CA CYS A 181 -9.72 -0.38 13.95
C CYS A 181 -8.35 0.14 14.42
N ASN A 182 -7.33 -0.71 14.33
CA ASN A 182 -5.97 -0.29 14.70
C ASN A 182 -5.46 0.82 13.79
N LEU A 183 -5.75 0.71 12.49
CA LEU A 183 -5.38 1.78 11.56
C LEU A 183 -6.16 3.05 11.88
N ALA A 184 -7.43 2.89 12.24
CA ALA A 184 -8.28 4.03 12.53
C ALA A 184 -7.73 4.83 13.72
N SER A 185 -7.07 4.12 14.65
CA SER A 185 -6.48 4.78 15.83
C SER A 185 -5.37 5.76 15.47
N LEU A 186 -4.76 5.57 14.29
CA LEU A 186 -3.69 6.46 13.82
C LEU A 186 -4.19 7.76 13.20
N LEU A 187 -5.51 7.86 12.98
CA LEU A 187 -6.09 9.02 12.30
C LEU A 187 -6.70 10.06 13.23
N LYS A 188 -6.56 11.32 12.83
CA LYS A 188 -7.43 12.39 13.35
C LYS A 188 -8.88 12.08 13.03
N PRO A 189 -9.81 12.52 13.90
CA PRO A 189 -11.22 12.50 13.47
C PRO A 189 -11.34 13.28 12.15
N GLY A 190 -12.08 12.74 11.20
CA GLY A 190 -12.20 13.36 9.87
C GLY A 190 -11.08 12.96 8.90
N GLY A 191 -10.06 12.28 9.42
CA GLY A 191 -8.96 11.76 8.59
C GLY A 191 -9.43 10.66 7.66
N HIS A 192 -8.60 10.30 6.70
CA HIS A 192 -9.00 9.29 5.72
C HIS A 192 -8.10 8.06 5.69
N LEU A 193 -8.73 6.92 5.51
CA LEU A 193 -8.03 5.69 5.16
C LEU A 193 -8.16 5.50 3.66
N VAL A 194 -7.04 5.18 3.01
CA VAL A 194 -7.04 4.87 1.60
C VAL A 194 -6.41 3.48 1.48
N THR A 195 -7.15 2.54 0.91
CA THR A 195 -6.67 1.14 0.91
C THR A 195 -7.08 0.41 -0.35
N THR A 196 -6.19 -0.46 -0.81
CA THR A 196 -6.53 -1.38 -1.90
C THR A 196 -6.36 -2.79 -1.36
N VAL A 197 -7.37 -3.61 -1.62
CA VAL A 197 -7.40 -4.98 -1.14
C VAL A 197 -7.73 -5.91 -2.31
N THR A 198 -6.97 -7.00 -2.43
CA THR A 198 -7.29 -8.05 -3.41
C THR A 198 -8.35 -8.97 -2.83
N LEU A 199 -9.28 -9.39 -3.68
CA LEU A 199 -10.46 -10.13 -3.23
C LEU A 199 -10.37 -11.64 -3.48
N ARG A 200 -10.98 -12.40 -2.57
CA ARG A 200 -11.06 -13.86 -2.67
C ARG A 200 -9.69 -14.52 -2.91
N LEU A 201 -8.65 -14.00 -2.28
CA LEU A 201 -7.29 -14.49 -2.48
C LEU A 201 -6.83 -15.30 -1.28
N PRO A 202 -6.55 -16.60 -1.47
CA PRO A 202 -6.13 -17.46 -0.35
C PRO A 202 -4.62 -17.54 -0.09
N SER A 203 -3.81 -17.14 -1.08
CA SER A 203 -2.35 -17.24 -0.99
C SER A 203 -1.73 -16.50 -2.15
N TYR A 204 -0.43 -16.21 -2.04
CA TYR A 204 0.29 -15.56 -3.13
C TYR A 204 1.75 -16.00 -3.13
N MET A 205 2.36 -15.99 -4.31
CA MET A 205 3.75 -16.40 -4.46
C MET A 205 4.68 -15.19 -4.34
N VAL A 206 5.82 -15.40 -3.69
CA VAL A 206 6.90 -14.42 -3.67
C VAL A 206 8.11 -15.20 -4.19
N GLY A 207 8.42 -15.03 -5.47
CA GLY A 207 9.31 -15.96 -6.14
C GLY A 207 8.75 -17.36 -6.01
N LYS A 208 9.58 -18.30 -5.56
CA LYS A 208 9.14 -19.71 -5.45
C LYS A 208 8.46 -20.03 -4.11
N ARG A 209 8.33 -19.04 -3.23
CA ARG A 209 7.78 -19.25 -1.90
C ARG A 209 6.33 -18.80 -1.80
N GLU A 210 5.49 -19.63 -1.17
CA GLU A 210 4.08 -19.28 -1.00
C GLU A 210 3.80 -18.69 0.39
N PHE A 211 3.08 -17.57 0.39
CA PHE A 211 2.61 -16.95 1.62
C PHE A 211 1.08 -16.94 1.65
N SER A 212 0.50 -16.92 2.84
CA SER A 212 -0.96 -17.01 2.97
C SER A 212 -1.62 -15.67 2.74
N CYS A 213 -2.91 -15.70 2.43
CA CYS A 213 -3.76 -14.50 2.44
C CYS A 213 -5.09 -14.88 3.01
N VAL A 214 -5.77 -13.92 3.63
CA VAL A 214 -7.18 -14.11 3.97
C VAL A 214 -8.05 -13.79 2.76
N ALA A 215 -8.90 -14.75 2.39
CA ALA A 215 -9.79 -14.57 1.25
C ALA A 215 -10.99 -13.77 1.69
N LEU A 216 -11.12 -12.56 1.14
CA LEU A 216 -12.15 -11.59 1.53
C LEU A 216 -13.05 -11.25 0.35
N GLU A 217 -14.35 -11.15 0.62
CA GLU A 217 -15.29 -10.63 -0.38
C GLU A 217 -15.44 -9.14 -0.15
N LYS A 218 -15.75 -8.39 -1.19
CA LYS A 218 -15.84 -6.93 -1.01
C LYS A 218 -16.95 -6.50 -0.06
N GLY A 219 -18.05 -7.26 -0.01
CA GLY A 219 -19.10 -6.99 0.96
C GLY A 219 -18.58 -7.06 2.40
N GLU A 220 -17.74 -8.07 2.67
CA GLU A 220 -17.11 -8.24 3.99
C GLU A 220 -16.17 -7.09 4.30
N VAL A 221 -15.34 -6.73 3.33
CA VAL A 221 -14.41 -5.59 3.47
C VAL A 221 -15.21 -4.32 3.79
N GLU A 222 -16.24 -4.08 3.00
CA GLU A 222 -17.08 -2.89 3.16
C GLU A 222 -17.71 -2.83 4.56
N GLN A 223 -18.27 -3.95 5.02
CA GLN A 223 -18.84 -4.00 6.36
C GLN A 223 -17.77 -3.73 7.44
N ALA A 224 -16.59 -4.30 7.24
CA ALA A 224 -15.46 -4.16 8.17
C ALA A 224 -15.05 -2.70 8.31
N VAL A 225 -15.05 -1.98 7.18
CA VAL A 225 -14.68 -0.57 7.15
C VAL A 225 -15.72 0.26 7.92
N LEU A 226 -17.00 0.04 7.66
CA LEU A 226 -18.06 0.73 8.42
C LEU A 226 -17.91 0.44 9.92
N ASP A 227 -17.72 -0.84 10.25
CA ASP A 227 -17.64 -1.28 11.65
C ASP A 227 -16.41 -0.73 12.40
N ALA A 228 -15.38 -0.33 11.66
CA ALA A 228 -14.18 0.30 12.25
C ALA A 228 -14.35 1.80 12.52
N GLY A 229 -15.55 2.33 12.28
CA GLY A 229 -15.82 3.74 12.59
C GLY A 229 -15.62 4.69 11.43
N PHE A 230 -15.60 4.15 10.21
CA PHE A 230 -15.49 4.95 8.99
C PHE A 230 -16.83 5.01 8.27
N ASP A 231 -17.00 5.99 7.40
CA ASP A 231 -17.92 5.79 6.28
C ASP A 231 -17.09 5.63 5.01
N ILE A 232 -17.72 5.17 3.93
CA ILE A 232 -17.05 5.05 2.64
C ILE A 232 -17.29 6.33 1.83
N GLU A 233 -16.19 6.95 1.39
CA GLU A 233 -16.24 8.21 0.64
C GLU A 233 -16.04 7.96 -0.85
N GLN A 234 -15.17 7.02 -1.21
CA GLN A 234 -15.03 6.60 -2.61
C GLN A 234 -14.75 5.10 -2.63
N LEU A 235 -15.22 4.41 -3.66
CA LEU A 235 -14.92 2.99 -3.82
C LEU A 235 -14.78 2.70 -5.32
N LEU A 236 -13.65 2.10 -5.67
CA LEU A 236 -13.31 1.83 -7.06
C LEU A 236 -12.97 0.35 -7.15
N HIS A 237 -13.78 -0.39 -7.90
CA HIS A 237 -13.56 -1.82 -8.07
C HIS A 237 -13.14 -2.13 -9.50
N SER A 238 -12.27 -3.13 -9.63
CA SER A 238 -11.90 -3.68 -10.94
C SER A 238 -11.88 -5.20 -10.86
N PRO A 239 -12.27 -5.87 -11.96
CA PRO A 239 -12.18 -7.32 -11.98
C PRO A 239 -10.75 -7.81 -12.22
N GLN A 240 -9.81 -6.88 -12.41
CA GLN A 240 -8.43 -7.23 -12.76
C GLN A 240 -7.82 -8.26 -11.82
N SER A 241 -7.18 -9.28 -12.38
CA SER A 241 -6.55 -10.32 -11.59
C SER A 241 -5.07 -10.39 -11.94
N TYR A 242 -4.29 -10.96 -11.03
CA TYR A 242 -2.89 -11.28 -11.34
C TYR A 242 -2.85 -12.56 -12.18
N SER A 243 -1.66 -12.96 -12.63
CA SER A 243 -1.50 -14.34 -13.10
C SER A 243 -1.95 -15.29 -11.99
N VAL A 244 -2.78 -16.28 -12.33
CA VAL A 244 -3.27 -17.21 -11.29
C VAL A 244 -2.15 -18.04 -10.66
N THR A 245 -1.02 -18.13 -11.36
CA THR A 245 0.16 -18.83 -10.85
C THR A 245 0.83 -18.05 -9.71
N ASN A 246 0.65 -16.72 -9.72
CA ASN A 246 1.16 -15.86 -8.66
C ASN A 246 0.14 -15.68 -7.55
N ALA A 247 -1.09 -15.32 -7.94
CA ALA A 247 -2.12 -14.95 -6.97
C ALA A 247 -3.47 -14.98 -7.65
N ALA A 248 -4.27 -15.98 -7.28
CA ALA A 248 -5.56 -16.23 -7.90
C ALA A 248 -6.66 -15.42 -7.24
N ASN A 249 -6.63 -14.10 -7.47
CA ASN A 249 -7.62 -13.21 -6.88
C ASN A 249 -8.84 -13.04 -7.77
N ASN A 250 -9.96 -12.65 -7.16
CA ASN A 250 -11.17 -12.30 -7.90
C ASN A 250 -11.37 -10.79 -7.89
N GLY A 251 -10.54 -10.09 -8.65
CA GLY A 251 -10.60 -8.63 -8.69
C GLY A 251 -10.03 -7.95 -7.46
N VAL A 252 -10.30 -6.65 -7.38
CA VAL A 252 -9.61 -5.76 -6.46
C VAL A 252 -10.48 -4.54 -6.18
N CYS A 253 -10.36 -4.01 -4.95
CA CYS A 253 -11.18 -2.91 -4.49
C CYS A 253 -10.29 -1.84 -3.87
N CYS A 254 -10.43 -0.59 -4.33
CA CYS A 254 -9.78 0.55 -3.69
C CYS A 254 -10.83 1.38 -2.96
N ILE A 255 -10.59 1.64 -1.67
CA ILE A 255 -11.58 2.34 -0.84
C ILE A 255 -10.94 3.57 -0.20
N VAL A 256 -11.67 4.69 -0.28
CA VAL A 256 -11.33 5.89 0.48
C VAL A 256 -12.41 6.00 1.55
N ALA A 257 -11.98 6.02 2.81
CA ALA A 257 -12.94 5.99 3.92
C ALA A 257 -12.61 7.14 4.88
N ARG A 258 -13.63 7.76 5.43
CA ARG A 258 -13.46 8.89 6.36
C ARG A 258 -13.78 8.45 7.77
N LYS A 259 -12.85 8.73 8.69
CA LYS A 259 -13.05 8.42 10.11
C LYS A 259 -14.07 9.40 10.67
N LYS A 260 -15.18 8.87 11.14
CA LYS A 260 -16.28 9.73 11.59
C LYS A 260 -15.93 10.39 12.91
N PRO A 261 -16.08 11.73 12.96
CA PRO A 261 -15.84 12.56 14.16
C PRO A 261 -17.01 12.51 15.14
#